data_3WQ1
#
_entry.id   3WQ1
#
_cell.length_a   58.140
_cell.length_b   118.420
_cell.length_c   46.790
_cell.angle_alpha   90.000
_cell.angle_beta   90.000
_cell.angle_gamma   90.000
#
_symmetry.space_group_name_H-M   'P 21 21 2'
#
loop_
_entity.id
_entity.type
_entity.pdbx_description
1 polymer 'Endoglucanase A'
2 branched beta-D-glucopyranose-(1-4)-beta-D-glucopyranose-(1-3)-beta-D-glucopyranose-(1-4)-beta-D-glucopyranose
3 non-polymer 'CALCIUM ION'
4 non-polymer '2-[N-CYCLOHEXYLAMINO]ETHANE SULFONIC ACID'
5 non-polymer GLYCEROL
6 water water
#
_entity_poly.entity_id   1
_entity_poly.type   'polypeptide(L)'
_entity_poly.pdbx_seq_one_letter_code
;MSKKKFVIVSILTILLVQAIYFVEKYHTSEDKSTSNTSSTPPQTTLSTTKVLKIRYPDDGEWPGAPIDKDGDGNPEFYIE
INLWNILNATGFAEMTYNLTSGVLHYVQQLDNIVLRDRSNWVHGYPEIFYGNKPWNANYATDGPIPLPSKVSNLTDFYLT
ISYKLEPKNGLPINFAIESWLTREAWRTTGINSDEQEVMIWIYYDGLQPAGSKVKEIVVPIIVNGTPVNATFEVWKANIG
WEYVAFRIKTPIKEGTVTIPYGAFISVAANISSLPNYTELYLEDVEIGTEFGTPSTTSAHLEWWITNITLTPLDRPLIS
;
_entity_poly.pdbx_strand_id   A
#
loop_
_chem_comp.id
_chem_comp.type
_chem_comp.name
_chem_comp.formula
BGC D-saccharide, beta linking beta-D-glucopyranose 'C6 H12 O6'
CA non-polymer 'CALCIUM ION' 'Ca 2'
GOL non-polymer GLYCEROL 'C3 H8 O3'
NHE non-polymer '2-[N-CYCLOHEXYLAMINO]ETHANE SULFONIC ACID' 'C8 H17 N O3 S'
#
# COMPACT_ATOMS: atom_id res chain seq x y z
N LYS A 50 -21.42 -14.00 0.48
CA LYS A 50 -20.26 -14.54 -0.24
C LYS A 50 -19.46 -13.50 -1.03
N VAL A 51 -20.05 -12.33 -1.31
CA VAL A 51 -19.34 -11.26 -2.02
C VAL A 51 -19.51 -9.97 -1.32
N LEU A 52 -18.40 -9.29 -1.03
CA LEU A 52 -18.40 -7.96 -0.39
C LEU A 52 -18.16 -6.92 -1.49
N LYS A 53 -18.87 -5.82 -1.44
CA LYS A 53 -18.70 -4.78 -2.45
C LYS A 53 -18.74 -3.44 -1.76
N ILE A 54 -17.81 -2.56 -2.18
CA ILE A 54 -17.87 -1.11 -1.77
C ILE A 54 -17.85 -0.32 -3.07
N ARG A 55 -18.49 0.85 -3.06
CA ARG A 55 -18.61 1.60 -4.29
C ARG A 55 -18.63 3.09 -4.00
N TYR A 56 -17.87 3.84 -4.78
CA TYR A 56 -17.90 5.32 -4.80
C TYR A 56 -18.61 5.73 -6.09
N PRO A 57 -19.55 6.69 -6.04
CA PRO A 57 -19.86 7.55 -4.91
C PRO A 57 -20.99 7.01 -4.04
N ASP A 58 -21.56 5.84 -4.36
CA ASP A 58 -22.82 5.36 -3.69
C ASP A 58 -22.68 5.25 -2.20
N ASP A 59 -21.53 4.79 -1.72
CA ASP A 59 -21.38 4.55 -0.32
C ASP A 59 -20.87 5.78 0.45
N GLY A 60 -20.71 6.90 -0.22
CA GLY A 60 -20.22 8.15 0.39
C GLY A 60 -18.79 8.45 -0.05
N GLU A 61 -18.23 9.40 0.72
CA GLU A 61 -16.94 9.94 0.45
C GLU A 61 -15.81 8.94 0.66
N TRP A 62 -16.04 8.02 1.61
CA TRP A 62 -14.97 7.19 2.05
C TRP A 62 -15.44 5.73 2.11
N PRO A 63 -15.78 5.10 0.96
CA PRO A 63 -16.25 3.68 1.03
C PRO A 63 -15.15 2.78 1.56
N GLY A 64 -15.50 1.84 2.38
CA GLY A 64 -14.48 0.92 2.97
C GLY A 64 -15.24 -0.18 3.69
N ALA A 65 -14.60 -1.32 3.89
CA ALA A 65 -15.21 -2.39 4.64
C ALA A 65 -14.19 -3.38 5.10
N PRO A 66 -14.51 -4.13 6.16
CA PRO A 66 -13.63 -5.19 6.62
C PRO A 66 -13.83 -6.47 5.84
N ILE A 67 -12.76 -7.24 5.67
CA ILE A 67 -12.85 -8.62 5.21
C ILE A 67 -12.68 -9.47 6.44
N ASP A 68 -13.75 -10.22 6.82
CA ASP A 68 -13.81 -10.98 8.05
C ASP A 68 -14.44 -12.35 7.69
N LYS A 69 -13.62 -13.22 7.14
CA LYS A 69 -14.16 -14.43 6.54
C LYS A 69 -14.76 -15.40 7.58
N ASP A 70 -14.21 -15.42 8.78
CA ASP A 70 -14.71 -16.28 9.88
C ASP A 70 -15.77 -15.54 10.69
N GLY A 71 -16.14 -14.30 10.34
CA GLY A 71 -17.18 -13.57 11.04
C GLY A 71 -16.89 -13.45 12.51
N ASP A 72 -15.61 -13.31 12.90
CA ASP A 72 -15.26 -13.26 14.34
C ASP A 72 -15.10 -11.82 14.84
N GLY A 73 -15.38 -10.80 14.04
CA GLY A 73 -15.26 -9.42 14.54
C GLY A 73 -13.83 -8.84 14.51
N ASN A 74 -12.89 -9.61 14.00
CA ASN A 74 -11.53 -9.11 13.82
C ASN A 74 -11.20 -9.31 12.32
N PRO A 75 -11.13 -8.22 11.57
CA PRO A 75 -10.93 -8.44 10.11
C PRO A 75 -9.55 -9.00 9.80
N GLU A 76 -9.43 -9.85 8.78
CA GLU A 76 -8.14 -10.31 8.25
C GLU A 76 -7.48 -9.19 7.43
N PHE A 77 -8.30 -8.41 6.73
CA PHE A 77 -7.82 -7.30 5.94
C PHE A 77 -8.91 -6.25 5.92
N TYR A 78 -8.60 -5.05 5.45
CA TYR A 78 -9.60 -3.99 5.35
C TYR A 78 -9.46 -3.34 3.99
N ILE A 79 -10.52 -3.08 3.25
CA ILE A 79 -10.47 -2.47 1.94
C ILE A 79 -10.99 -1.09 1.97
N GLU A 80 -10.38 -0.17 1.17
CA GLU A 80 -10.83 1.22 1.08
C GLU A 80 -10.68 1.68 -0.38
N ILE A 81 -11.66 2.40 -0.90
CA ILE A 81 -11.46 3.02 -2.21
C ILE A 81 -10.54 4.22 -2.09
N ASN A 82 -10.62 4.99 -0.99
CA ASN A 82 -9.60 5.98 -0.61
C ASN A 82 -9.26 6.96 -1.73
N LEU A 83 -10.25 7.67 -2.28
CA LEU A 83 -10.04 8.70 -3.27
C LEU A 83 -9.77 10.00 -2.56
N TRP A 84 -8.65 10.05 -1.79
CA TRP A 84 -8.46 11.07 -0.75
C TRP A 84 -8.17 12.42 -1.32
N ASN A 85 -7.74 12.53 -2.59
CA ASN A 85 -7.49 13.82 -3.18
C ASN A 85 -8.47 14.15 -4.29
N ILE A 86 -9.62 13.45 -4.35
CA ILE A 86 -10.62 13.82 -5.35
C ILE A 86 -11.74 14.58 -4.65
N LEU A 87 -12.00 15.79 -5.15
CA LEU A 87 -13.12 16.58 -4.68
C LEU A 87 -14.38 16.14 -5.37
N ASN A 88 -14.34 15.98 -6.69
CA ASN A 88 -15.53 15.56 -7.41
C ASN A 88 -15.09 14.80 -8.63
N ALA A 89 -15.92 13.86 -9.09
CA ALA A 89 -15.65 13.22 -10.36
C ALA A 89 -17.00 12.65 -10.84
N THR A 90 -17.13 12.45 -12.13
CA THR A 90 -18.24 11.61 -12.67
C THR A 90 -17.72 10.19 -12.75
N GLY A 91 -18.66 9.26 -12.93
CA GLY A 91 -18.33 7.85 -12.98
C GLY A 91 -18.37 7.19 -11.61
N PHE A 92 -17.57 6.11 -11.47
CA PHE A 92 -17.65 5.32 -10.26
C PHE A 92 -16.30 4.64 -10.04
N ALA A 93 -16.16 4.08 -8.83
N ALA A 93 -16.17 4.09 -8.84
CA ALA A 93 -15.11 3.12 -8.52
CA ALA A 93 -15.12 3.12 -8.50
C ALA A 93 -15.73 2.07 -7.64
C ALA A 93 -15.76 2.05 -7.64
N GLU A 94 -15.41 0.79 -7.85
N GLU A 94 -15.38 0.80 -7.87
CA GLU A 94 -16.01 -0.24 -7.04
CA GLU A 94 -16.02 -0.33 -7.23
C GLU A 94 -14.98 -1.32 -6.80
C GLU A 94 -14.94 -1.32 -6.80
N MET A 95 -15.00 -1.85 -5.60
N MET A 95 -14.96 -1.77 -5.56
CA MET A 95 -14.09 -2.92 -5.22
CA MET A 95 -14.04 -2.87 -5.13
C MET A 95 -14.91 -4.06 -4.71
C MET A 95 -14.88 -4.02 -4.65
N THR A 96 -14.64 -5.26 -5.22
N THR A 96 -14.59 -5.23 -5.15
CA THR A 96 -15.43 -6.46 -4.92
CA THR A 96 -15.33 -6.44 -4.75
C THR A 96 -14.46 -7.52 -4.39
C THR A 96 -14.40 -7.48 -4.28
N TYR A 97 -14.70 -8.09 -3.20
N TYR A 97 -14.87 -8.25 -3.31
CA TYR A 97 -14.00 -9.32 -2.77
CA TYR A 97 -14.09 -9.30 -2.76
C TYR A 97 -15.00 -10.47 -2.78
C TYR A 97 -14.93 -10.54 -2.65
N ASN A 98 -14.60 -11.54 -3.46
CA ASN A 98 -15.36 -12.77 -3.40
C ASN A 98 -14.76 -13.63 -2.31
N LEU A 99 -15.49 -13.84 -1.20
CA LEU A 99 -14.94 -14.55 -0.09
C LEU A 99 -14.72 -16.03 -0.43
N THR A 100 -15.65 -16.46 -1.33
N THR A 100 -15.27 -16.65 -1.42
CA THR A 100 -15.77 -17.90 -1.80
CA THR A 100 -14.79 -18.05 -1.52
C THR A 100 -14.65 -18.25 -2.79
C THR A 100 -13.39 -18.11 -2.23
N SER A 101 -14.36 -17.37 -3.75
N SER A 101 -13.26 -17.33 -3.29
CA SER A 101 -13.34 -17.67 -4.72
CA SER A 101 -12.05 -17.42 -4.09
C SER A 101 -11.99 -17.10 -4.34
C SER A 101 -10.99 -16.52 -3.58
N GLY A 102 -11.96 -16.12 -3.46
N GLY A 102 -11.40 -15.56 -2.78
CA GLY A 102 -10.66 -15.53 -2.98
CA GLY A 102 -10.46 -14.68 -2.26
C GLY A 102 -10.03 -14.51 -3.90
C GLY A 102 -10.03 -13.76 -3.37
N VAL A 103 -10.78 -13.68 -4.56
CA VAL A 103 -10.26 -12.65 -5.47
C VAL A 103 -10.83 -11.26 -5.14
N LEU A 104 -9.92 -10.30 -5.00
CA LEU A 104 -10.22 -8.90 -4.90
C LEU A 104 -10.14 -8.19 -6.25
N HIS A 105 -11.18 -7.52 -6.68
CA HIS A 105 -11.23 -6.95 -8.02
C HIS A 105 -11.64 -5.49 -7.88
N TYR A 106 -10.80 -4.60 -8.39
CA TYR A 106 -11.09 -3.17 -8.37
C TYR A 106 -11.36 -2.68 -9.79
N VAL A 107 -12.46 -1.91 -9.93
N VAL A 107 -12.43 -1.93 -10.00
CA VAL A 107 -12.85 -1.39 -11.24
CA VAL A 107 -12.61 -1.35 -11.33
C VAL A 107 -13.11 0.12 -11.05
C VAL A 107 -13.04 0.09 -11.06
N GLN A 108 -12.43 0.95 -11.82
CA GLN A 108 -12.59 2.42 -11.68
C GLN A 108 -12.78 3.03 -13.05
N GLN A 109 -13.84 3.85 -13.20
CA GLN A 109 -14.08 4.72 -14.41
C GLN A 109 -14.47 6.03 -13.99
N LEU A 110 -13.47 6.87 -13.76
CA LEU A 110 -13.70 8.23 -13.27
C LEU A 110 -13.36 9.22 -14.36
N ASP A 111 -14.20 10.24 -14.50
CA ASP A 111 -14.00 11.32 -15.43
C ASP A 111 -14.30 12.64 -14.78
N ASN A 112 -14.05 13.77 -15.47
CA ASN A 112 -14.36 15.07 -14.86
C ASN A 112 -13.69 15.24 -13.47
N ILE A 113 -12.47 14.73 -13.34
CA ILE A 113 -11.89 14.71 -11.97
C ILE A 113 -11.43 16.13 -11.60
N VAL A 114 -11.81 16.56 -10.42
CA VAL A 114 -11.36 17.81 -9.81
C VAL A 114 -10.73 17.39 -8.50
N LEU A 115 -9.47 17.84 -8.28
CA LEU A 115 -8.72 17.44 -7.07
C LEU A 115 -8.98 18.38 -5.92
N ARG A 116 -8.76 17.83 -4.72
N ARG A 116 -8.73 17.87 -4.70
CA ARG A 116 -8.85 18.65 -3.54
CA ARG A 116 -8.81 18.75 -3.54
C ARG A 116 -7.64 19.61 -3.45
C ARG A 116 -7.58 19.70 -3.54
N ASP A 117 -6.42 19.16 -3.81
CA ASP A 117 -5.17 19.98 -3.76
C ASP A 117 -4.22 19.41 -4.75
N ARG A 118 -3.90 20.18 -5.82
CA ARG A 118 -2.95 19.73 -6.83
C ARG A 118 -1.61 19.42 -6.24
N SER A 119 -1.24 20.10 -5.14
CA SER A 119 0.09 19.86 -4.56
C SER A 119 0.23 18.45 -4.00
N ASN A 120 -0.87 17.71 -3.78
N ASN A 120 -0.89 17.74 -3.85
CA ASN A 120 -0.82 16.29 -3.37
CA ASN A 120 -0.76 16.39 -3.39
C ASN A 120 -0.52 15.37 -4.53
C ASN A 120 -0.60 15.38 -4.50
N TRP A 121 -0.65 15.86 -5.76
CA TRP A 121 -0.16 15.18 -6.97
C TRP A 121 -1.10 14.03 -7.43
N VAL A 122 -1.13 12.96 -6.68
CA VAL A 122 -2.01 11.82 -7.02
C VAL A 122 -3.41 12.12 -6.60
N HIS A 123 -4.32 11.27 -7.11
CA HIS A 123 -5.77 11.43 -6.86
C HIS A 123 -6.25 10.64 -5.68
N GLY A 124 -5.65 9.47 -5.43
CA GLY A 124 -6.18 8.56 -4.46
C GLY A 124 -5.30 7.33 -4.42
N TYR A 125 -5.69 6.39 -3.56
CA TYR A 125 -4.92 5.16 -3.28
C TYR A 125 -5.92 4.07 -2.86
N PRO A 126 -6.70 3.52 -3.86
CA PRO A 126 -7.58 2.36 -3.56
C PRO A 126 -6.66 1.22 -3.14
N GLU A 127 -7.06 0.51 -2.09
CA GLU A 127 -6.12 -0.32 -1.35
C GLU A 127 -6.80 -1.39 -0.51
N ILE A 128 -5.97 -2.32 -0.05
CA ILE A 128 -6.29 -3.28 0.96
C ILE A 128 -5.20 -3.24 1.99
N PHE A 129 -5.49 -3.37 3.27
CA PHE A 129 -4.40 -3.30 4.25
C PHE A 129 -4.61 -4.31 5.38
N TYR A 130 -3.51 -4.54 6.09
CA TYR A 130 -3.44 -5.34 7.32
C TYR A 130 -2.86 -4.44 8.40
N GLY A 131 -3.37 -4.52 9.60
CA GLY A 131 -2.91 -3.73 10.72
C GLY A 131 -3.85 -2.60 11.00
N ASN A 132 -3.34 -1.54 11.63
CA ASN A 132 -4.12 -0.36 11.99
C ASN A 132 -3.75 0.80 11.09
N LYS A 133 -4.65 1.19 10.19
CA LYS A 133 -4.32 2.37 9.34
C LYS A 133 -4.45 3.58 10.21
N PRO A 134 -3.41 4.50 10.29
CA PRO A 134 -3.41 5.47 11.36
C PRO A 134 -4.14 6.75 10.98
N TRP A 135 -4.74 6.83 9.79
CA TRP A 135 -5.52 7.95 9.33
C TRP A 135 -7.00 7.88 9.67
N ASN A 136 -7.45 6.72 10.20
CA ASN A 136 -8.89 6.53 10.43
C ASN A 136 -9.04 5.43 11.46
N ALA A 137 -10.31 5.06 11.74
CA ALA A 137 -10.61 4.05 12.74
C ALA A 137 -10.75 2.67 12.11
N ASN A 138 -10.17 2.43 10.94
CA ASN A 138 -10.23 1.13 10.33
C ASN A 138 -9.05 0.28 10.66
N TYR A 139 -9.21 -1.01 10.80
CA TYR A 139 -8.14 -1.91 11.22
C TYR A 139 -8.45 -3.33 10.83
N ALA A 140 -7.42 -4.15 10.80
CA ALA A 140 -7.53 -5.58 10.49
C ALA A 140 -6.42 -6.25 11.26
N THR A 141 -6.66 -7.08 12.26
CA THR A 141 -5.60 -7.67 13.06
C THR A 141 -5.71 -9.17 13.17
N ASP A 142 -6.52 -9.81 12.30
CA ASP A 142 -6.64 -11.30 12.35
C ASP A 142 -5.61 -11.85 11.39
N GLY A 143 -4.38 -12.04 11.83
CA GLY A 143 -3.28 -12.54 11.00
C GLY A 143 -2.10 -12.85 11.84
N PRO A 144 -1.04 -13.43 11.27
CA PRO A 144 0.06 -13.98 12.04
C PRO A 144 1.04 -12.91 12.49
N ILE A 145 1.06 -11.75 11.88
CA ILE A 145 2.03 -10.71 12.30
C ILE A 145 1.32 -9.79 13.27
N PRO A 146 1.89 -9.51 14.46
CA PRO A 146 1.18 -8.66 15.44
C PRO A 146 1.43 -7.22 15.10
N LEU A 147 0.67 -6.64 14.22
CA LEU A 147 0.73 -5.19 13.98
C LEU A 147 -0.47 -4.54 14.61
N PRO A 148 -0.33 -3.37 15.22
CA PRO A 148 0.98 -2.68 15.41
C PRO A 148 1.91 -3.28 16.43
N SER A 149 3.20 -3.14 16.14
CA SER A 149 4.21 -3.48 17.21
C SER A 149 5.37 -2.53 16.99
N LYS A 150 6.10 -2.31 18.09
CA LYS A 150 7.33 -1.47 17.98
C LYS A 150 8.31 -2.18 17.07
N VAL A 151 9.06 -1.36 16.27
CA VAL A 151 9.97 -1.97 15.32
C VAL A 151 11.07 -2.76 16.03
N SER A 152 11.46 -2.34 17.27
CA SER A 152 12.46 -3.06 18.05
C SER A 152 12.00 -4.44 18.52
N ASN A 153 10.68 -4.71 18.44
CA ASN A 153 10.15 -5.98 18.96
C ASN A 153 9.62 -6.89 17.88
N LEU A 154 9.54 -6.42 16.67
N LEU A 154 9.42 -6.41 16.69
CA LEU A 154 8.91 -7.13 15.59
CA LEU A 154 8.74 -7.15 15.63
C LEU A 154 9.78 -8.17 14.98
C LEU A 154 9.80 -8.02 14.93
N THR A 155 9.10 -9.22 14.51
N THR A 155 9.53 -9.32 14.67
CA THR A 155 9.75 -10.21 13.65
CA THR A 155 10.43 -10.09 13.80
C THR A 155 9.95 -9.66 12.22
C THR A 155 10.14 -9.62 12.39
N ASP A 156 11.05 -10.02 11.53
CA ASP A 156 10.97 -9.87 10.08
C ASP A 156 9.86 -10.73 9.53
N PHE A 157 9.40 -10.41 8.32
CA PHE A 157 8.39 -11.20 7.65
C PHE A 157 8.54 -11.00 6.18
N TYR A 158 8.15 -12.02 5.42
N TYR A 158 8.13 -12.00 5.41
CA TYR A 158 7.92 -11.90 3.98
CA TYR A 158 8.01 -11.82 3.98
C TYR A 158 6.52 -11.38 3.73
C TYR A 158 6.55 -11.48 3.63
N LEU A 159 6.40 -10.62 2.64
CA LEU A 159 5.10 -10.25 2.10
C LEU A 159 5.01 -10.79 0.71
N THR A 160 4.00 -11.62 0.40
CA THR A 160 3.79 -12.18 -0.95
C THR A 160 2.45 -11.72 -1.47
N ILE A 161 2.45 -11.18 -2.67
CA ILE A 161 1.25 -10.66 -3.31
C ILE A 161 1.17 -11.25 -4.71
N SER A 162 -0.03 -11.75 -5.05
CA SER A 162 -0.31 -12.16 -6.42
C SER A 162 -1.32 -11.24 -6.98
N TYR A 163 -1.05 -10.62 -8.15
CA TYR A 163 -1.83 -9.51 -8.62
C TYR A 163 -1.77 -9.37 -10.13
N LYS A 164 -2.59 -8.48 -10.67
CA LYS A 164 -2.51 -8.09 -12.06
C LYS A 164 -3.03 -6.67 -12.17
N LEU A 165 -2.31 -5.78 -12.85
CA LEU A 165 -2.70 -4.37 -13.00
C LEU A 165 -3.09 -4.06 -14.43
N GLU A 166 -4.16 -3.33 -14.59
CA GLU A 166 -4.58 -2.88 -15.95
C GLU A 166 -5.03 -1.40 -15.92
N PRO A 167 -4.07 -0.48 -15.80
CA PRO A 167 -4.40 0.93 -16.03
C PRO A 167 -4.78 1.14 -17.52
N LYS A 168 -5.68 2.03 -17.78
CA LYS A 168 -6.12 2.25 -19.12
C LYS A 168 -5.58 3.52 -19.67
N ASN A 169 -5.25 3.53 -20.97
CA ASN A 169 -4.90 4.75 -21.73
C ASN A 169 -3.68 5.60 -21.19
N GLY A 170 -2.69 4.94 -20.63
CA GLY A 170 -1.50 5.61 -20.12
C GLY A 170 -1.72 6.30 -18.77
N LEU A 171 -2.78 5.99 -18.06
CA LEU A 171 -2.97 6.56 -16.69
C LEU A 171 -1.71 6.34 -15.84
N PRO A 172 -1.14 7.44 -15.26
CA PRO A 172 0.02 7.25 -14.35
C PRO A 172 -0.45 6.53 -13.08
N ILE A 173 0.26 5.48 -12.73
CA ILE A 173 -0.08 4.69 -11.54
C ILE A 173 1.16 4.17 -10.91
N ASN A 174 1.01 3.68 -9.68
CA ASN A 174 1.98 2.74 -9.09
C ASN A 174 1.22 1.56 -8.49
N PHE A 175 1.99 0.60 -8.07
CA PHE A 175 1.48 -0.44 -7.17
C PHE A 175 2.44 -0.39 -6.00
N ALA A 176 1.94 0.11 -4.87
CA ALA A 176 2.78 0.54 -3.78
C ALA A 176 2.30 -0.12 -2.51
N ILE A 177 3.25 -0.66 -1.78
CA ILE A 177 3.07 -1.22 -0.44
C ILE A 177 3.51 -0.15 0.55
N GLU A 178 2.76 0.18 1.59
CA GLU A 178 3.32 1.15 2.48
C GLU A 178 3.03 0.83 3.91
N SER A 179 3.83 1.41 4.76
CA SER A 179 3.62 1.38 6.24
C SER A 179 3.83 2.72 6.84
N TRP A 180 3.12 2.99 7.91
CA TRP A 180 3.26 4.18 8.71
C TRP A 180 3.88 3.78 10.04
N LEU A 181 4.84 4.60 10.52
CA LEU A 181 5.60 4.35 11.75
C LEU A 181 5.29 5.49 12.70
N THR A 182 4.60 5.19 13.80
CA THR A 182 4.09 6.24 14.68
C THR A 182 4.67 6.08 16.10
N ARG A 183 4.58 7.22 16.85
CA ARG A 183 5.12 7.21 18.20
C ARG A 183 4.16 6.51 19.18
N GLU A 184 2.84 6.44 18.91
CA GLU A 184 1.94 5.71 19.82
C GLU A 184 1.55 4.41 19.15
N ALA A 185 1.08 3.48 20.00
CA ALA A 185 0.84 2.14 19.54
C ALA A 185 -0.35 2.07 18.55
N TRP A 186 -1.43 2.78 18.85
CA TRP A 186 -2.68 2.63 18.06
C TRP A 186 -3.15 4.01 17.68
N ARG A 187 -2.55 4.58 16.65
CA ARG A 187 -2.86 5.95 16.19
C ARG A 187 -4.07 5.93 15.23
N THR A 188 -5.01 6.87 15.39
CA THR A 188 -6.14 6.91 14.47
C THR A 188 -6.49 8.31 13.95
N THR A 189 -5.60 9.26 14.22
CA THR A 189 -5.86 10.66 13.94
C THR A 189 -4.78 11.33 13.11
N GLY A 190 -4.01 10.57 12.34
CA GLY A 190 -3.05 11.16 11.39
C GLY A 190 -1.63 11.02 11.88
N ILE A 191 -0.73 11.80 11.32
CA ILE A 191 0.73 11.57 11.38
C ILE A 191 1.41 12.91 11.71
N ASN A 192 2.44 12.81 12.56
CA ASN A 192 3.21 14.00 13.04
C ASN A 192 4.57 14.08 12.42
N SER A 193 5.26 15.23 12.64
CA SER A 193 6.48 15.48 11.91
C SER A 193 7.64 14.62 12.38
N ASP A 194 7.58 13.92 13.53
CA ASP A 194 8.63 13.06 14.03
C ASP A 194 8.34 11.55 13.74
N GLU A 195 7.51 11.31 12.69
CA GLU A 195 7.09 9.95 12.34
C GLU A 195 7.46 9.73 10.86
N GLN A 196 7.26 8.49 10.40
CA GLN A 196 7.73 8.08 9.07
C GLN A 196 6.68 7.39 8.24
N GLU A 197 6.74 7.60 6.96
CA GLU A 197 5.98 6.88 5.97
C GLU A 197 6.97 6.11 5.13
N VAL A 198 6.82 4.82 4.93
CA VAL A 198 7.68 3.99 4.11
C VAL A 198 6.88 3.41 2.97
N MET A 199 7.20 3.68 1.72
N MET A 199 7.35 3.54 1.74
CA MET A 199 6.55 2.96 0.64
CA MET A 199 6.59 3.18 0.54
C MET A 199 7.53 2.14 -0.13
C MET A 199 7.51 2.22 -0.24
N ILE A 200 6.99 1.12 -0.78
CA ILE A 200 7.74 0.18 -1.62
C ILE A 200 6.96 0.02 -2.92
N TRP A 201 7.47 0.54 -4.02
CA TRP A 201 6.76 0.52 -5.29
C TRP A 201 7.31 -0.64 -6.13
N ILE A 202 6.43 -1.65 -6.43
CA ILE A 202 6.85 -2.75 -7.24
C ILE A 202 6.36 -2.62 -8.69
N TYR A 203 5.49 -1.65 -8.96
CA TYR A 203 5.14 -1.25 -10.31
C TYR A 203 5.01 0.23 -10.30
N TYR A 204 5.32 0.87 -11.45
CA TYR A 204 4.94 2.27 -11.66
C TYR A 204 4.98 2.58 -13.14
N ASP A 205 4.21 3.60 -13.54
CA ASP A 205 4.27 4.11 -14.93
C ASP A 205 3.91 5.54 -14.78
N GLY A 206 4.86 6.44 -15.02
CA GLY A 206 4.55 7.83 -15.07
C GLY A 206 4.39 8.56 -13.74
N LEU A 207 4.89 7.94 -12.64
CA LEU A 207 4.99 8.56 -11.34
C LEU A 207 6.41 8.38 -10.80
N GLN A 208 6.85 9.42 -10.09
CA GLN A 208 8.11 9.40 -9.36
C GLN A 208 7.83 9.66 -7.88
N PRO A 209 8.60 9.06 -6.98
CA PRO A 209 8.37 9.33 -5.52
C PRO A 209 8.64 10.78 -5.18
N ALA A 210 8.09 11.24 -4.05
CA ALA A 210 8.40 12.57 -3.53
C ALA A 210 9.88 12.66 -3.16
N GLY A 211 10.34 13.91 -3.17
CA GLY A 211 11.68 14.21 -2.64
C GLY A 211 12.80 13.98 -3.62
N SER A 212 13.94 13.62 -3.04
N SER A 212 13.95 13.57 -3.12
CA SER A 212 15.20 13.44 -3.74
CA SER A 212 15.08 13.40 -3.99
C SER A 212 15.61 11.98 -3.78
C SER A 212 15.63 12.01 -3.79
N LYS A 213 16.31 11.58 -4.82
CA LYS A 213 16.86 10.22 -4.86
C LYS A 213 18.08 10.21 -3.98
N VAL A 214 18.18 9.26 -3.10
CA VAL A 214 19.27 9.07 -2.19
C VAL A 214 20.28 8.10 -2.75
N LYS A 215 19.88 6.89 -3.09
CA LYS A 215 20.81 5.85 -3.52
C LYS A 215 20.05 4.72 -4.22
N GLU A 216 20.75 3.70 -4.64
CA GLU A 216 20.12 2.47 -5.06
C GLU A 216 20.61 1.39 -4.11
N ILE A 217 19.73 0.41 -3.84
CA ILE A 217 20.08 -0.73 -3.01
C ILE A 217 19.71 -2.04 -3.75
N VAL A 218 20.35 -3.13 -3.36
N VAL A 218 20.34 -3.11 -3.32
CA VAL A 218 19.89 -4.46 -3.74
CA VAL A 218 19.92 -4.42 -3.74
C VAL A 218 18.97 -5.00 -2.70
C VAL A 218 19.01 -5.05 -2.69
N VAL A 219 17.89 -5.66 -3.15
CA VAL A 219 17.02 -6.42 -2.22
C VAL A 219 16.76 -7.74 -2.91
N PRO A 220 16.98 -8.85 -2.22
CA PRO A 220 16.56 -10.16 -2.80
C PRO A 220 15.06 -10.32 -2.70
N ILE A 221 14.44 -10.62 -3.82
CA ILE A 221 12.96 -10.82 -3.85
C ILE A 221 12.72 -12.09 -4.59
N ILE A 222 11.43 -12.48 -4.63
CA ILE A 222 10.99 -13.61 -5.52
C ILE A 222 10.04 -13.09 -6.54
N VAL A 223 10.27 -13.32 -7.80
CA VAL A 223 9.35 -12.87 -8.88
C VAL A 223 8.92 -14.09 -9.64
N ASN A 224 7.62 -14.37 -9.64
N ASN A 224 7.61 -14.38 -9.64
CA ASN A 224 7.07 -15.50 -10.40
CA ASN A 224 7.07 -15.50 -10.40
C ASN A 224 7.86 -16.78 -10.08
C ASN A 224 7.87 -16.78 -10.09
N GLY A 225 8.14 -16.98 -8.78
CA GLY A 225 8.68 -18.23 -8.27
C GLY A 225 10.21 -18.24 -8.29
N THR A 226 10.88 -17.28 -8.95
CA THR A 226 12.36 -17.30 -9.00
C THR A 226 12.94 -16.26 -8.09
N PRO A 227 13.80 -16.69 -7.12
CA PRO A 227 14.53 -15.70 -6.32
C PRO A 227 15.47 -14.91 -7.22
N VAL A 228 15.57 -13.59 -6.99
N VAL A 228 15.51 -13.58 -7.06
CA VAL A 228 16.31 -12.70 -7.86
CA VAL A 228 16.42 -12.75 -7.81
C VAL A 228 16.76 -11.47 -7.08
C VAL A 228 16.88 -11.63 -6.91
N ASN A 229 18.01 -11.04 -7.28
CA ASN A 229 18.47 -9.78 -6.73
C ASN A 229 17.85 -8.68 -7.55
N ALA A 230 17.05 -7.81 -6.88
CA ALA A 230 16.46 -6.65 -7.61
C ALA A 230 17.08 -5.38 -7.09
N THR A 231 16.97 -4.36 -7.92
CA THR A 231 17.45 -3.02 -7.51
C THR A 231 16.26 -2.15 -7.15
N PHE A 232 16.38 -1.43 -6.03
CA PHE A 232 15.43 -0.39 -5.63
C PHE A 232 16.13 0.95 -5.53
N GLU A 233 15.54 1.98 -6.13
CA GLU A 233 15.95 3.36 -5.85
C GLU A 233 15.40 3.73 -4.46
N VAL A 234 16.13 4.47 -3.68
CA VAL A 234 15.71 4.97 -2.38
C VAL A 234 15.48 6.46 -2.53
N TRP A 235 14.33 6.98 -2.16
CA TRP A 235 13.98 8.38 -2.24
C TRP A 235 13.64 8.87 -0.85
N LYS A 236 13.90 10.12 -0.53
CA LYS A 236 13.56 10.64 0.78
C LYS A 236 13.01 12.03 0.66
N ALA A 237 11.97 12.35 1.47
CA ALA A 237 11.33 13.66 1.44
C ALA A 237 10.90 14.06 2.83
N ASN A 238 10.72 15.34 3.06
CA ASN A 238 10.07 15.84 4.28
C ASN A 238 8.80 16.51 3.87
N ILE A 239 7.64 15.91 4.16
CA ILE A 239 6.33 16.30 3.61
C ILE A 239 5.31 16.52 4.78
N GLY A 240 5.83 16.93 5.92
CA GLY A 240 5.01 16.97 7.14
C GLY A 240 5.29 15.81 8.10
N TRP A 241 6.05 14.85 7.59
CA TRP A 241 6.60 13.70 8.26
C TRP A 241 7.78 13.26 7.34
N GLU A 242 8.59 12.37 7.84
CA GLU A 242 9.64 11.82 6.98
C GLU A 242 9.11 10.79 6.05
N TYR A 243 9.44 10.87 4.77
CA TYR A 243 8.96 9.93 3.76
C TYR A 243 10.17 9.25 3.15
N VAL A 244 10.12 7.94 3.09
CA VAL A 244 11.13 7.13 2.43
C VAL A 244 10.45 6.20 1.46
N ALA A 245 10.80 6.24 0.17
CA ALA A 245 10.20 5.37 -0.80
C ALA A 245 11.25 4.54 -1.48
N PHE A 246 10.95 3.29 -1.76
CA PHE A 246 11.79 2.37 -2.49
C PHE A 246 11.12 2.06 -3.80
N ARG A 247 11.74 2.40 -4.92
CA ARG A 247 11.10 2.23 -6.21
C ARG A 247 11.87 1.20 -7.00
N ILE A 248 11.26 0.04 -7.35
CA ILE A 248 11.99 -0.96 -8.06
C ILE A 248 12.43 -0.36 -9.41
N LYS A 249 13.61 -0.83 -9.86
N LYS A 249 13.60 -0.80 -9.92
CA LYS A 249 14.19 -0.37 -11.14
CA LYS A 249 14.03 -0.26 -11.24
C LYS A 249 13.44 -0.99 -12.33
C LYS A 249 13.47 -1.04 -12.42
N THR A 250 12.88 -2.20 -12.13
CA THR A 250 12.27 -3.05 -13.14
C THR A 250 10.83 -3.35 -12.71
N PRO A 251 9.89 -2.51 -13.10
CA PRO A 251 8.53 -2.65 -12.59
C PRO A 251 7.90 -3.95 -13.07
N ILE A 252 7.02 -4.47 -12.19
CA ILE A 252 6.36 -5.78 -12.41
C ILE A 252 4.87 -5.57 -12.45
N LYS A 253 4.26 -5.67 -13.62
CA LYS A 253 2.87 -5.25 -13.85
C LYS A 253 1.88 -6.36 -13.41
N GLU A 254 2.39 -7.57 -13.20
N GLU A 254 2.24 -7.64 -13.45
CA GLU A 254 1.52 -8.70 -12.86
CA GLU A 254 1.36 -8.71 -12.90
C GLU A 254 2.39 -9.85 -12.40
C GLU A 254 2.26 -9.89 -12.55
N GLY A 255 1.80 -10.72 -11.62
CA GLY A 255 2.48 -11.97 -11.21
C GLY A 255 2.44 -12.17 -9.74
N THR A 256 3.41 -12.89 -9.23
CA THR A 256 3.51 -13.15 -7.83
C THR A 256 4.86 -12.64 -7.32
N VAL A 257 4.84 -11.76 -6.33
CA VAL A 257 6.09 -11.15 -5.84
C VAL A 257 6.17 -11.33 -4.35
N THR A 258 7.36 -11.77 -3.87
CA THR A 258 7.62 -11.85 -2.46
C THR A 258 8.76 -10.86 -2.13
N ILE A 259 8.54 -10.07 -1.08
CA ILE A 259 9.60 -9.15 -0.59
C ILE A 259 9.88 -9.39 0.87
N PRO A 260 11.12 -9.18 1.30
CA PRO A 260 11.49 -9.25 2.73
C PRO A 260 11.25 -7.90 3.37
N TYR A 261 10.34 -7.77 4.28
CA TYR A 261 9.96 -6.43 4.75
C TYR A 261 11.11 -5.77 5.49
N GLY A 262 11.87 -6.53 6.28
CA GLY A 262 12.95 -5.93 7.07
C GLY A 262 14.06 -5.33 6.26
N ALA A 263 14.25 -5.76 5.02
CA ALA A 263 15.31 -5.14 4.21
C ALA A 263 14.97 -3.68 4.03
N PHE A 264 13.70 -3.34 3.79
CA PHE A 264 13.26 -2.00 3.57
C PHE A 264 13.23 -1.18 4.86
N ILE A 265 12.64 -1.77 5.90
CA ILE A 265 12.57 -0.99 7.18
C ILE A 265 14.01 -0.75 7.70
N SER A 266 14.92 -1.69 7.48
CA SER A 266 16.30 -1.47 7.97
C SER A 266 16.99 -0.32 7.24
N VAL A 267 16.78 -0.20 5.92
CA VAL A 267 17.33 0.98 5.21
C VAL A 267 16.62 2.24 5.60
N ALA A 268 15.28 2.22 5.76
CA ALA A 268 14.53 3.38 6.19
C ALA A 268 15.03 3.87 7.56
N ALA A 269 15.35 2.93 8.45
CA ALA A 269 15.89 3.27 9.77
C ALA A 269 17.26 3.94 9.58
N ASN A 270 18.12 3.32 8.77
CA ASN A 270 19.49 3.78 8.61
C ASN A 270 19.55 5.16 8.05
N ILE A 271 18.70 5.53 7.10
CA ILE A 271 18.78 6.81 6.48
C ILE A 271 17.92 7.87 7.19
N SER A 272 17.14 7.44 8.23
CA SER A 272 16.25 8.36 8.87
C SER A 272 16.98 9.48 9.61
N SER A 273 16.34 10.65 9.65
CA SER A 273 16.73 11.75 10.49
C SER A 273 15.99 11.74 11.80
N LEU A 274 15.09 10.81 12.04
CA LEU A 274 14.21 10.86 13.22
C LEU A 274 14.94 10.31 14.41
N PRO A 275 14.63 10.88 15.59
CA PRO A 275 15.27 10.36 16.84
C PRO A 275 14.59 9.05 17.26
N ASN A 276 15.34 8.17 17.95
CA ASN A 276 14.72 7.03 18.64
C ASN A 276 13.91 6.25 17.65
N TYR A 277 14.48 5.90 16.47
CA TYR A 277 13.66 5.32 15.43
C TYR A 277 13.09 3.99 15.85
N THR A 278 13.83 3.18 16.59
CA THR A 278 13.34 1.79 16.84
C THR A 278 12.25 1.74 17.91
N GLU A 279 11.91 2.91 18.50
CA GLU A 279 10.74 3.04 19.35
C GLU A 279 9.48 3.21 18.54
N LEU A 280 9.53 3.52 17.25
CA LEU A 280 8.33 3.73 16.47
C LEU A 280 7.60 2.38 16.33
N TYR A 281 6.27 2.49 16.15
CA TYR A 281 5.39 1.30 15.91
C TYR A 281 5.13 1.23 14.43
N LEU A 282 5.36 0.03 13.88
N LEU A 282 5.37 0.04 13.88
CA LEU A 282 4.91 -0.30 12.51
CA LEU A 282 4.94 -0.25 12.51
C LEU A 282 3.44 -0.56 12.57
C LEU A 282 3.46 -0.55 12.58
N GLU A 283 2.66 0.41 12.09
CA GLU A 283 1.20 0.35 12.36
C GLU A 283 0.53 -0.66 11.43
N ASP A 284 0.97 -0.78 10.16
CA ASP A 284 0.14 -1.44 9.18
C ASP A 284 1.00 -1.75 7.99
N VAL A 285 0.45 -2.53 7.07
CA VAL A 285 0.98 -2.81 5.70
C VAL A 285 -0.16 -2.59 4.75
N GLU A 286 -0.09 -1.58 3.90
CA GLU A 286 -1.17 -1.20 2.96
C GLU A 286 -0.67 -1.57 1.57
N ILE A 287 -1.54 -2.01 0.71
CA ILE A 287 -1.23 -2.44 -0.67
C ILE A 287 -2.24 -1.79 -1.59
N GLY A 288 -1.81 -0.98 -2.53
CA GLY A 288 -2.83 -0.32 -3.40
C GLY A 288 -2.17 0.36 -4.53
N THR A 289 -2.98 1.04 -5.34
CA THR A 289 -2.47 1.75 -6.54
C THR A 289 -2.71 3.22 -6.41
N GLU A 290 -1.66 3.98 -6.19
CA GLU A 290 -1.86 5.41 -6.34
C GLU A 290 -2.02 5.75 -7.80
N PHE A 291 -2.79 6.75 -8.15
CA PHE A 291 -2.98 7.04 -9.60
C PHE A 291 -3.19 8.51 -9.76
N GLY A 292 -2.92 8.94 -11.02
CA GLY A 292 -3.23 10.31 -11.46
C GLY A 292 -2.10 11.30 -11.19
N THR A 293 -2.28 12.48 -11.78
CA THR A 293 -1.38 13.67 -11.68
C THR A 293 -2.25 14.80 -11.73
N PRO A 294 -1.70 16.01 -11.50
CA PRO A 294 -2.56 17.16 -11.56
C PRO A 294 -3.11 17.45 -12.95
N SER A 295 -2.53 16.85 -13.99
CA SER A 295 -3.01 17.01 -15.39
C SER A 295 -4.04 15.97 -15.80
N THR A 296 -4.28 14.96 -14.99
CA THR A 296 -5.15 13.84 -15.34
C THR A 296 -6.56 14.19 -14.96
N THR A 297 -7.47 14.20 -15.93
CA THR A 297 -8.90 14.47 -15.67
C THR A 297 -9.79 13.21 -15.87
N SER A 298 -9.26 12.15 -16.46
N SER A 298 -9.23 12.15 -16.46
CA SER A 298 -9.98 10.87 -16.52
CA SER A 298 -9.93 10.88 -16.66
C SER A 298 -9.04 9.80 -16.04
C SER A 298 -9.05 9.76 -16.16
N ALA A 299 -9.57 8.86 -15.33
CA ALA A 299 -8.70 7.81 -14.71
C ALA A 299 -9.53 6.51 -14.72
N HIS A 300 -9.20 5.67 -15.69
CA HIS A 300 -9.86 4.33 -15.82
C HIS A 300 -8.79 3.27 -15.53
N LEU A 301 -9.13 2.35 -14.65
CA LEU A 301 -8.17 1.41 -14.08
C LEU A 301 -8.89 0.17 -13.60
N GLU A 302 -8.28 -0.99 -13.81
CA GLU A 302 -8.78 -2.18 -13.19
C GLU A 302 -7.63 -2.96 -12.61
N TRP A 303 -7.80 -3.65 -11.51
CA TRP A 303 -6.78 -4.57 -11.01
C TRP A 303 -7.39 -5.69 -10.23
N TRP A 304 -6.58 -6.70 -10.00
CA TRP A 304 -6.98 -7.88 -9.23
C TRP A 304 -5.87 -8.24 -8.30
N ILE A 305 -6.25 -8.69 -7.09
CA ILE A 305 -5.28 -9.32 -6.16
C ILE A 305 -5.88 -10.64 -5.73
N THR A 306 -5.13 -11.72 -5.86
CA THR A 306 -5.66 -13.08 -5.54
C THR A 306 -5.10 -13.63 -4.27
N ASN A 307 -4.01 -13.02 -3.77
N ASN A 307 -3.96 -13.09 -3.79
CA ASN A 307 -3.45 -13.56 -2.58
CA ASN A 307 -3.33 -13.65 -2.59
C ASN A 307 -2.56 -12.51 -1.92
C ASN A 307 -2.47 -12.59 -1.91
N ILE A 308 -2.64 -12.40 -0.62
CA ILE A 308 -1.70 -11.64 0.17
C ILE A 308 -1.32 -12.53 1.34
N THR A 309 -0.04 -12.80 1.51
CA THR A 309 0.40 -13.61 2.62
C THR A 309 1.54 -12.94 3.34
N LEU A 310 1.44 -12.86 4.67
CA LEU A 310 2.57 -12.37 5.49
C LEU A 310 3.14 -13.58 6.24
N THR A 311 4.43 -13.81 6.06
CA THR A 311 5.08 -15.01 6.61
C THR A 311 6.09 -14.61 7.63
N PRO A 312 5.87 -14.93 8.92
CA PRO A 312 6.86 -14.53 9.91
C PRO A 312 8.16 -15.35 9.83
N LEU A 313 9.29 -14.66 10.12
CA LEU A 313 10.61 -15.28 10.11
C LEU A 313 11.17 -15.34 11.46
N ASP A 314 12.18 -16.12 11.69
CA ASP A 314 12.63 -16.07 13.08
C ASP A 314 13.82 -15.18 13.28
N ARG A 315 13.66 -13.91 13.06
CA ARG A 315 14.82 -13.00 13.08
C ARG A 315 14.24 -11.58 13.27
N PRO A 316 15.05 -10.65 13.77
CA PRO A 316 14.50 -9.32 14.03
C PRO A 316 14.17 -8.62 12.69
N LEU A 317 13.18 -7.75 12.74
CA LEU A 317 12.88 -6.90 11.59
C LEU A 317 14.08 -6.05 11.17
N ILE A 318 14.70 -5.40 12.16
CA ILE A 318 15.82 -4.44 11.82
C ILE A 318 17.13 -5.13 12.02
N SER A 319 17.97 -5.05 10.97
CA SER A 319 19.36 -5.57 10.96
C SER A 319 20.21 -4.75 9.95
C2 BGC B . 1.46 10.25 0.56
C3 BGC B . 0.51 9.81 1.65
C4 BGC B . -0.71 9.08 1.02
C5 BGC B . -0.19 7.94 0.17
C6 BGC B . -1.24 7.18 -0.55
C1 BGC B . 2.00 9.05 -0.30
O1 BGC B . 2.57 9.57 -1.42
O2 BGC B . 2.63 10.82 1.13
O3 BGC B . 0.12 10.96 2.44
O4 BGC B . -1.54 8.54 2.07
O5 BGC B . 0.70 8.50 -0.83
O6 BGC B . -1.78 7.99 -1.62
C2 BGC B . -3.72 8.42 3.10
C3 BGC B . -5.02 9.27 3.31
C4 BGC B . -4.67 10.69 3.82
C5 BGC B . -3.54 11.36 3.12
C6 BGC B . -3.01 12.57 3.89
C1 BGC B . -2.77 9.26 2.26
O2 BGC B . -4.08 7.17 2.44
O3 BGC B . -5.84 8.53 4.21
O4 BGC B . -5.77 11.56 3.70
O5 BGC B . -2.46 10.43 2.97
O6 BGC B . -2.19 13.39 3.03
C2 BGC B . -8.05 7.96 4.81
C3 BGC B . -9.43 8.56 5.12
C4 BGC B . -9.31 9.64 6.18
C5 BGC B . -8.27 10.62 5.74
C6 BGC B . -8.00 11.79 6.75
C1 BGC B . -7.15 9.07 4.40
O2 BGC B . -8.18 6.97 3.80
O3 BGC B . -10.25 7.48 5.59
O4 BGC B . -10.54 10.38 6.34
O5 BGC B . -7.03 9.97 5.51
O6 BGC B . -7.05 12.70 6.06
C2 BGC B . -12.35 11.21 7.61
C3 BGC B . -13.39 10.79 8.65
C4 BGC B . -14.12 9.51 8.23
C5 BGC B . -13.09 8.40 7.97
C6 BGC B . -13.72 7.18 7.38
C1 BGC B . -11.39 10.00 7.45
O2 BGC B . -11.56 12.30 8.14
O3 BGC B . -14.33 11.89 8.79
O4 BGC B . -15.06 9.12 9.23
O5 BGC B . -12.15 8.90 6.97
O6 BGC B . -12.72 6.16 7.35
CA CA C . -11.73 -12.62 11.35
CA CA D . -7.16 2.73 11.96
C3' NHE E . -17.19 20.69 -7.77
C2' NHE E . -18.54 20.12 -8.10
C1' NHE E . -19.19 20.80 -9.27
C6' NHE E . -18.28 20.74 -10.49
N NHE E . -20.46 20.11 -9.64
C1 NHE E . -21.53 21.03 -10.09
C2 NHE E . -22.94 20.46 -10.13
S NHE E . -23.02 19.46 -11.44
O1 NHE E . -24.41 19.28 -11.80
O2 NHE E . -22.62 18.20 -10.99
O3 NHE E . -22.19 20.15 -12.73
C5' NHE E . -16.93 21.36 -10.17
C4' NHE E . -16.29 20.73 -8.96
C3' NHE F . -7.52 -5.88 18.80
C2' NHE F . -7.36 -7.27 19.42
C1' NHE F . -6.23 -8.04 18.89
C6' NHE F . -4.96 -7.24 18.89
N NHE F . -6.07 -9.39 19.42
C1 NHE F . -7.22 -10.24 19.47
C2 NHE F . -6.76 -11.62 19.94
S NHE F . -8.04 -12.76 19.96
O1 NHE F . -8.28 -13.12 18.66
O2 NHE F . -9.10 -12.28 20.64
O3 NHE F . -7.58 -13.86 20.92
C5' NHE F . -5.04 -5.86 18.22
C4' NHE F . -6.17 -5.13 18.85
C3' NHE G . -10.44 25.51 -10.14
C2' NHE G . -9.23 24.78 -9.55
C1' NHE G . -9.28 23.25 -9.78
C6' NHE G . -9.17 23.09 -11.29
N NHE G . -8.22 22.47 -9.11
C1 NHE G . -8.53 22.13 -7.68
C2 NHE G . -7.20 21.87 -6.98
S NHE G . -6.12 23.17 -6.68
O1 NHE G . -5.06 22.71 -5.88
O2 NHE G . -6.77 24.12 -5.93
O3 NHE G . -5.68 23.73 -8.06
C5' NHE G . -10.50 23.49 -11.90
C4' NHE G . -10.62 24.99 -11.58
C3' NHE H . -16.69 -12.61 -14.25
C2' NHE H . -17.30 -12.25 -12.95
C1' NHE H . -16.89 -10.96 -12.34
C6' NHE H . -16.30 -9.87 -13.17
N NHE H . -17.29 -10.57 -11.02
C1 NHE H . -18.32 -11.15 -10.21
C2 NHE H . -17.93 -10.79 -8.77
S NHE H . -16.94 -11.95 -8.12
O1 NHE H . -16.06 -12.64 -8.79
O2 NHE H . -17.91 -12.89 -7.67
O3 NHE H . -16.31 -11.37 -6.84
C5' NHE H . -15.97 -10.18 -14.62
C4' NHE H . -16.04 -11.58 -15.08
C3' NHE I . -6.76 -10.16 -1.15
C2' NHE I . -6.08 -11.51 -1.17
C1' NHE I . -6.00 -12.00 0.31
C6' NHE I . -7.39 -12.09 0.99
N NHE I . -5.31 -13.34 0.37
C1 NHE I . -5.25 -14.05 1.65
C2 NHE I . -4.41 -15.34 1.52
S NHE I . -5.09 -16.59 0.52
O1 NHE I . -5.04 -16.18 -0.92
O2 NHE I . -6.45 -16.95 0.73
O3 NHE I . -4.27 -17.92 0.86
C5' NHE I . -8.00 -10.68 0.83
C4' NHE I . -8.12 -10.14 -0.56
C1 GOL J . 22.10 1.41 4.81
O1 GOL J . 20.98 2.11 4.33
C2 GOL J . 21.60 0.03 5.12
O2 GOL J . 21.94 -0.68 3.95
C3 GOL J . 22.38 -0.48 6.33
O3 GOL J . 23.29 -1.55 6.00
C1 GOL K . 3.86 9.92 -5.83
O1 GOL K . 3.95 10.73 -7.01
C2 GOL K . 3.47 10.63 -4.53
O2 GOL K . 3.69 12.02 -4.79
C3 GOL K . 4.38 10.12 -3.38
O3 GOL K . 4.30 8.68 -3.02
C1 GOL L . 20.71 -2.43 1.95
O1 GOL L . 22.07 -2.20 1.72
C2 GOL L . 20.41 -3.84 1.67
O2 GOL L . 21.02 -4.74 2.63
C3 GOL L . 18.89 -3.82 1.76
O3 GOL L . 18.43 -3.94 3.12
#